data_6IML
#
_entry.id   6IML
#
_cell.length_a   72.244
_cell.length_b   53.735
_cell.length_c   76.232
_cell.angle_alpha   90.00
_cell.angle_beta   100.47
_cell.angle_gamma   90.00
#
_symmetry.space_group_name_H-M   'P 1 21 1'
#
loop_
_entity.id
_entity.type
_entity.pdbx_description
1 polymer 'DNA ligase'
2 polymer "DNA (5'-D(*CP*CP*AP*GP*TP*CP*CP*GP*AP*CP*CP*CP*GP*CP*AP*TP*CP*CP*CP*GP*GP*A)-3')"
3 polymer "DNA (5'-D(*TP*CP*CP*GP*GP*GP*AP*TP*GP*CP*GP*T)-3')"
4 polymer "DNA (5'-D(P*GP*TP*CP*GP*GP*AP*CP*TP*GP*G)-3')"
5 water water
#
loop_
_entity_poly.entity_id
_entity_poly.type
_entity_poly.pdbx_seq_one_letter_code
_entity_poly.pdbx_strand_id
1 'polypeptide(L)'
;MLNQFPGQYSNNIFCFPPIESETKSGKKASWIICVQVVQHNTIIPITDEMFSTDVKDAVAEIFTKFFVEEGAVRISKMTR
VTEGKNLGKKNATTVVHQAFKDALSKYNRHARQKRGAHTNRGMIPPMLVKYFNIIPKTFFEEETDPIVQRKRNGVRAVAC
QQGDGCILLYSRTEKEFLGLDNIKKELKQLYLFIDVRVYLDGELYLHRKPLQWIAGQANAKTDSSELHFYVFDCFWSDQL
QMPSNKRQQLLTNIFKQKEDLTFIHQVENFSVKNVDEALRLKAQFIKEGYEGAIVRNANGPYEPGYNNYHSAHLAKLKPL
LDAEFILVDYTQGKKGKDLGAILWVCELPNKKRFVVTPKHLTYADRYALFQKLTPALFKKHLYGKELTVEYAELSPKTGI
PLQARAVGFREPINVLEII
;
A
2 'polydeoxyribonucleotide'
;(DC)(DC)(DA)(DG)(DT)(DC)(DC)(DG)(DA)(DC)(DC)(DC)(DG)(DC)(DA)(DT)(DC)(DC)(DC)(DG)
(DG)(DA)
;
C
3 'polydeoxyribonucleotide' (DT)(DC)(DC)(DG)(DG)(DG)(DA)(DT)(DG)(DC)(DG)(DT) D
4 'polydeoxyribonucleotide' (DG)(DT)(DC)(DG)(DG)(DA)(DC)(DT)(DG)(DG) E
#
loop_
_chem_comp.id
_chem_comp.type
_chem_comp.name
_chem_comp.formula
DA DNA linking 2'-DEOXYADENOSINE-5'-MONOPHOSPHATE 'C10 H14 N5 O6 P'
DC DNA linking 2'-DEOXYCYTIDINE-5'-MONOPHOSPHATE 'C9 H14 N3 O7 P'
DG DNA linking 2'-DEOXYGUANOSINE-5'-MONOPHOSPHATE 'C10 H14 N5 O7 P'
DT DNA linking THYMIDINE-5'-MONOPHOSPHATE 'C10 H15 N2 O8 P'
#
# COMPACT_ATOMS: atom_id res chain seq x y z
N MET A 1 -19.51 -24.86 9.80
CA MET A 1 -20.15 -25.33 8.58
C MET A 1 -19.68 -24.50 7.38
N LEU A 2 -19.59 -25.17 6.22
CA LEU A 2 -19.05 -24.50 5.04
C LEU A 2 -20.01 -23.47 4.48
N ASN A 3 -21.32 -23.73 4.55
CA ASN A 3 -22.28 -22.85 3.91
C ASN A 3 -22.39 -21.48 4.58
N GLN A 4 -21.72 -21.27 5.71
CA GLN A 4 -21.71 -19.96 6.34
C GLN A 4 -20.82 -18.97 5.60
N PHE A 5 -19.90 -19.47 4.74
CA PHE A 5 -19.06 -18.63 3.90
C PHE A 5 -19.62 -18.55 2.50
N PRO A 6 -19.53 -17.39 1.84
CA PRO A 6 -19.92 -17.31 0.43
C PRO A 6 -19.01 -18.17 -0.44
N GLY A 7 -19.61 -18.87 -1.38
CA GLY A 7 -18.88 -19.76 -2.26
C GLY A 7 -19.44 -21.17 -2.24
N GLN A 8 -18.98 -21.96 -3.20
CA GLN A 8 -19.43 -23.33 -3.39
C GLN A 8 -18.36 -24.32 -2.96
N TYR A 9 -18.76 -25.58 -2.87
CA TYR A 9 -17.89 -26.66 -2.42
C TYR A 9 -17.97 -27.80 -3.42
N SER A 10 -16.85 -28.11 -4.07
CA SER A 10 -16.82 -29.14 -5.10
C SER A 10 -15.45 -29.80 -5.11
N ASN A 11 -15.45 -31.13 -5.20
CA ASN A 11 -14.21 -31.92 -5.28
C ASN A 11 -13.30 -31.64 -4.08
N ASN A 12 -13.90 -31.57 -2.89
CA ASN A 12 -13.20 -31.32 -1.64
C ASN A 12 -12.47 -29.99 -1.61
N ILE A 13 -12.79 -29.09 -2.54
CA ILE A 13 -12.13 -27.78 -2.64
C ILE A 13 -13.20 -26.71 -2.57
N PHE A 14 -13.10 -25.85 -1.56
CA PHE A 14 -14.01 -24.72 -1.41
C PHE A 14 -13.48 -23.53 -2.20
N CYS A 15 -14.33 -22.96 -3.05
CA CYS A 15 -13.96 -21.83 -3.90
C CYS A 15 -14.86 -20.64 -3.55
N PHE A 16 -14.25 -19.56 -3.09
CA PHE A 16 -14.97 -18.33 -2.83
C PHE A 16 -15.51 -17.77 -4.15
N PRO A 17 -16.56 -16.95 -4.10
CA PRO A 17 -17.12 -16.38 -5.33
C PRO A 17 -16.08 -15.54 -6.05
N PRO A 18 -16.02 -15.63 -7.38
CA PRO A 18 -15.04 -14.83 -8.13
C PRO A 18 -15.34 -13.35 -8.03
N ILE A 19 -14.30 -12.56 -7.76
CA ILE A 19 -14.40 -11.12 -7.69
C ILE A 19 -14.01 -10.55 -9.05
N GLU A 20 -14.92 -9.78 -9.65
CA GLU A 20 -14.69 -9.25 -10.99
C GLU A 20 -13.87 -7.97 -10.94
N SER A 21 -12.89 -7.87 -11.84
CA SER A 21 -12.00 -6.72 -11.92
C SER A 21 -12.07 -6.13 -13.32
N GLU A 22 -11.44 -4.96 -13.48
CA GLU A 22 -11.39 -4.25 -14.74
C GLU A 22 -9.95 -3.87 -15.04
N THR A 23 -9.37 -4.46 -16.08
CA THR A 23 -7.99 -4.18 -16.42
C THR A 23 -7.86 -2.80 -17.05
N LYS A 24 -6.64 -2.37 -17.26
CA LYS A 24 -6.40 -1.10 -17.87
C LYS A 24 -6.83 -1.08 -19.34
N SER A 25 -6.71 -2.20 -20.03
CA SER A 25 -7.10 -2.30 -21.43
C SER A 25 -8.60 -2.48 -21.62
N GLY A 26 -9.39 -2.43 -20.54
CA GLY A 26 -10.82 -2.56 -20.65
C GLY A 26 -11.34 -3.97 -20.75
N LYS A 27 -10.57 -4.96 -20.29
CA LYS A 27 -10.96 -6.36 -20.34
C LYS A 27 -11.26 -6.87 -18.94
N LYS A 28 -12.31 -7.68 -18.83
CA LYS A 28 -12.74 -8.16 -17.52
C LYS A 28 -11.72 -9.15 -16.95
N ALA A 29 -11.53 -9.08 -15.64
CA ALA A 29 -10.63 -9.98 -14.93
C ALA A 29 -11.37 -10.63 -13.77
N SER A 30 -10.92 -11.82 -13.39
CA SER A 30 -11.52 -12.57 -12.30
C SER A 30 -10.45 -12.97 -11.29
N TRP A 31 -10.85 -13.09 -10.05
CA TRP A 31 -9.98 -13.47 -8.97
C TRP A 31 -10.74 -14.40 -8.04
N ILE A 32 -10.23 -15.61 -7.87
CA ILE A 32 -10.84 -16.63 -7.03
C ILE A 32 -9.81 -17.10 -6.02
N ILE A 33 -10.22 -17.21 -4.75
CA ILE A 33 -9.38 -17.75 -3.69
C ILE A 33 -10.02 -19.04 -3.21
N CYS A 34 -9.20 -20.09 -3.05
CA CYS A 34 -9.69 -21.41 -2.72
C CYS A 34 -8.93 -21.97 -1.52
N VAL A 35 -9.57 -22.92 -0.84
CA VAL A 35 -9.01 -23.59 0.33
C VAL A 35 -9.15 -25.09 0.14
N GLN A 36 -8.08 -25.83 0.43
CA GLN A 36 -8.10 -27.28 0.38
C GLN A 36 -7.26 -27.84 1.52
N VAL A 37 -7.59 -29.05 1.95
CA VAL A 37 -6.89 -29.73 3.04
C VAL A 37 -6.17 -30.94 2.47
N VAL A 38 -4.87 -31.02 2.73
CA VAL A 38 -4.02 -32.07 2.18
C VAL A 38 -3.51 -32.94 3.33
N GLN A 39 -3.63 -34.25 3.17
CA GLN A 39 -3.08 -35.21 4.12
C GLN A 39 -2.49 -36.37 3.32
N HIS A 40 -1.18 -36.57 3.44
CA HIS A 40 -0.45 -37.60 2.70
C HIS A 40 -0.61 -37.41 1.19
N ASN A 41 -0.42 -36.16 0.74
CA ASN A 41 -0.47 -35.80 -0.67
C ASN A 41 -1.81 -36.18 -1.30
N THR A 42 -2.89 -36.01 -0.54
CA THR A 42 -4.22 -36.38 -1.00
C THR A 42 -5.24 -35.36 -0.50
N ILE A 43 -6.14 -34.97 -1.38
CA ILE A 43 -7.18 -33.99 -1.05
C ILE A 43 -8.28 -34.73 -0.30
N ILE A 44 -8.34 -34.54 1.02
CA ILE A 44 -9.37 -35.16 1.85
C ILE A 44 -10.55 -34.20 1.97
N PRO A 45 -11.77 -34.70 2.15
CA PRO A 45 -12.92 -33.79 2.26
C PRO A 45 -12.83 -32.91 3.50
N ILE A 46 -13.61 -31.85 3.50
CA ILE A 46 -13.65 -30.89 4.60
C ILE A 46 -14.90 -31.18 5.42
N THR A 47 -14.71 -31.60 6.67
CA THR A 47 -15.80 -31.95 7.56
C THR A 47 -15.97 -30.88 8.64
N ASP A 48 -17.13 -30.92 9.30
CA ASP A 48 -17.39 -29.97 10.37
C ASP A 48 -16.49 -30.20 11.58
N GLU A 49 -16.08 -31.45 11.81
CA GLU A 49 -15.19 -31.74 12.93
C GLU A 49 -13.83 -31.09 12.78
N MET A 50 -13.44 -30.73 11.55
CA MET A 50 -12.16 -30.06 11.34
C MET A 50 -12.16 -28.63 11.88
N PHE A 51 -13.33 -28.06 12.15
CA PHE A 51 -13.43 -26.72 12.71
C PHE A 51 -13.34 -26.69 14.23
N SER A 52 -13.41 -27.85 14.90
CA SER A 52 -13.25 -27.94 16.34
C SER A 52 -12.14 -28.89 16.77
N THR A 53 -11.78 -29.85 15.95
CA THR A 53 -10.72 -30.81 16.25
C THR A 53 -9.74 -30.85 15.09
N ASP A 54 -8.45 -30.84 15.42
CA ASP A 54 -7.40 -30.87 14.42
C ASP A 54 -7.10 -32.31 14.02
N VAL A 55 -7.23 -32.61 12.73
CA VAL A 55 -6.78 -33.89 12.19
C VAL A 55 -5.26 -33.85 12.10
N LYS A 56 -4.59 -34.74 12.84
CA LYS A 56 -3.15 -34.70 12.94
C LYS A 56 -2.51 -34.98 11.59
N ASP A 57 -1.39 -34.29 11.32
CA ASP A 57 -0.61 -34.37 10.10
C ASP A 57 -1.36 -33.89 8.87
N ALA A 58 -2.51 -33.24 9.04
CA ALA A 58 -3.26 -32.67 7.94
C ALA A 58 -2.93 -31.20 7.79
N VAL A 59 -2.77 -30.75 6.56
CA VAL A 59 -2.35 -29.38 6.26
C VAL A 59 -3.42 -28.73 5.39
N ALA A 60 -3.83 -27.52 5.78
CA ALA A 60 -4.74 -26.72 4.98
C ALA A 60 -3.93 -25.81 4.07
N GLU A 61 -4.36 -25.72 2.80
CA GLU A 61 -3.62 -24.97 1.79
C GLU A 61 -4.53 -23.92 1.17
N ILE A 62 -4.08 -22.68 1.17
CA ILE A 62 -4.79 -21.56 0.57
C ILE A 62 -4.06 -21.17 -0.71
N PHE A 63 -4.77 -21.22 -1.84
CA PHE A 63 -4.23 -20.76 -3.11
C PHE A 63 -5.29 -19.91 -3.79
N THR A 64 -4.86 -19.14 -4.77
CA THR A 64 -5.71 -18.24 -5.57
C THR A 64 -5.46 -18.29 -7.06
N LYS A 65 -6.47 -17.96 -7.83
CA LYS A 65 -6.34 -17.91 -9.28
C LYS A 65 -6.79 -16.55 -9.81
N PHE A 66 -6.07 -16.04 -10.76
CA PHE A 66 -6.37 -14.79 -11.43
C PHE A 66 -6.23 -14.94 -12.92
N PHE A 67 -7.28 -14.66 -13.63
CA PHE A 67 -7.25 -14.78 -15.08
C PHE A 67 -8.06 -13.65 -15.71
N VAL A 68 -7.48 -13.03 -16.74
CA VAL A 68 -8.20 -12.06 -17.55
C VAL A 68 -9.07 -12.81 -18.53
N GLU A 69 -10.20 -12.19 -18.92
CA GLU A 69 -11.12 -12.82 -19.86
C GLU A 69 -10.40 -13.25 -21.13
N GLU A 70 -10.57 -14.52 -21.49
CA GLU A 70 -9.93 -15.15 -22.65
C GLU A 70 -8.41 -15.17 -22.54
N GLY A 71 -7.87 -14.98 -21.33
CA GLY A 71 -6.45 -14.99 -21.10
C GLY A 71 -6.00 -16.18 -20.28
N ALA A 72 -4.70 -16.17 -19.97
CA ALA A 72 -4.10 -17.26 -19.21
C ALA A 72 -4.55 -17.20 -17.75
N VAL A 73 -4.39 -18.32 -17.07
CA VAL A 73 -4.77 -18.46 -15.66
C VAL A 73 -3.51 -18.43 -14.82
N ARG A 74 -3.48 -17.55 -13.84
CA ARG A 74 -2.34 -17.46 -12.96
C ARG A 74 -2.69 -18.02 -11.58
N ILE A 75 -2.01 -19.09 -11.21
CA ILE A 75 -2.23 -19.80 -9.96
C ILE A 75 -1.01 -19.56 -9.08
N SER A 76 -1.24 -18.97 -7.91
CA SER A 76 -0.16 -18.72 -6.97
C SER A 76 0.27 -20.01 -6.29
N LYS A 77 1.41 -19.95 -5.62
CA LYS A 77 1.86 -21.07 -4.82
C LYS A 77 0.96 -21.27 -3.61
N MET A 78 0.95 -22.48 -3.07
CA MET A 78 0.08 -22.81 -1.96
C MET A 78 0.56 -22.12 -0.69
N THR A 79 -0.35 -21.41 -0.02
CA THR A 79 -0.09 -20.87 1.31
C THR A 79 -0.41 -21.98 2.31
N ARG A 80 0.63 -22.62 2.83
CA ARG A 80 0.47 -23.77 3.72
C ARG A 80 0.32 -23.27 5.15
N VAL A 81 -0.85 -23.47 5.73
CA VAL A 81 -1.06 -23.29 7.16
C VAL A 81 -1.03 -24.66 7.80
N THR A 82 -0.25 -24.79 8.88
CA THR A 82 -0.03 -26.09 9.52
C THR A 82 -0.49 -26.13 10.96
N GLU A 83 -0.77 -24.99 11.58
CA GLU A 83 -1.22 -24.95 12.96
C GLU A 83 -2.17 -23.78 13.14
N GLY A 84 -3.06 -23.90 14.12
CA GLY A 84 -3.94 -22.81 14.48
C GLY A 84 -3.19 -21.76 15.27
N LYS A 85 -3.93 -20.72 15.62
CA LYS A 85 -3.40 -19.62 16.37
C LYS A 85 -3.99 -19.57 17.76
N ASN A 86 -3.28 -18.92 18.68
CA ASN A 86 -3.70 -18.86 20.08
C ASN A 86 -4.02 -20.24 20.62
N LEU A 87 -3.16 -21.21 20.28
CA LEU A 87 -3.45 -22.63 20.53
C LEU A 87 -3.73 -22.94 21.99
N GLY A 88 -3.27 -22.13 22.91
CA GLY A 88 -3.50 -22.47 24.28
C GLY A 88 -4.73 -21.92 24.96
N LYS A 89 -5.47 -21.06 24.31
CA LYS A 89 -6.57 -20.39 24.95
C LYS A 89 -7.94 -20.75 24.49
N LYS A 90 -8.92 -19.96 24.91
CA LYS A 90 -10.31 -20.19 24.55
C LYS A 90 -10.56 -19.80 23.10
N ASN A 91 -9.96 -18.68 22.69
CA ASN A 91 -10.10 -18.20 21.33
C ASN A 91 -9.20 -18.94 20.35
N ALA A 92 -8.78 -20.15 20.70
CA ALA A 92 -7.90 -20.92 19.84
C ALA A 92 -8.61 -21.31 18.55
N THR A 93 -7.86 -21.33 17.45
CA THR A 93 -8.35 -21.80 16.17
C THR A 93 -7.64 -23.09 15.79
N THR A 94 -8.28 -23.86 14.92
CA THR A 94 -7.70 -25.07 14.36
C THR A 94 -7.14 -24.76 12.97
N VAL A 95 -6.49 -25.76 12.37
CA VAL A 95 -5.82 -25.56 11.09
C VAL A 95 -6.83 -25.16 10.02
N VAL A 96 -7.99 -25.82 9.99
CA VAL A 96 -8.98 -25.55 8.95
C VAL A 96 -9.68 -24.22 9.21
N HIS A 97 -10.11 -24.00 10.46
CA HIS A 97 -10.85 -22.77 10.77
C HIS A 97 -9.98 -21.54 10.59
N GLN A 98 -8.69 -21.65 10.93
CA GLN A 98 -7.78 -20.53 10.71
C GLN A 98 -7.56 -20.28 9.22
N ALA A 99 -7.56 -21.33 8.40
CA ALA A 99 -7.40 -21.15 6.96
C ALA A 99 -8.57 -20.41 6.36
N PHE A 100 -9.80 -20.82 6.70
CA PHE A 100 -10.98 -20.09 6.24
C PHE A 100 -11.06 -18.70 6.84
N LYS A 101 -10.60 -18.54 8.09
CA LYS A 101 -10.57 -17.21 8.70
C LYS A 101 -9.61 -16.28 7.95
N ASP A 102 -8.48 -16.83 7.49
CA ASP A 102 -7.52 -16.03 6.74
C ASP A 102 -7.93 -15.88 5.28
N ALA A 103 -8.60 -16.88 4.71
CA ALA A 103 -9.04 -16.77 3.32
C ALA A 103 -10.16 -15.76 3.17
N LEU A 104 -11.10 -15.74 4.13
CA LEU A 104 -12.17 -14.76 4.08
C LEU A 104 -11.65 -13.35 4.25
N SER A 105 -10.58 -13.17 5.03
CA SER A 105 -9.97 -11.86 5.17
C SER A 105 -9.34 -11.40 3.86
N LYS A 106 -8.68 -12.32 3.14
CA LYS A 106 -8.15 -11.99 1.82
C LYS A 106 -9.28 -11.69 0.83
N TYR A 107 -10.47 -12.24 1.06
CA TYR A 107 -11.60 -12.03 0.17
C TYR A 107 -12.25 -10.68 0.41
N ASN A 108 -12.49 -10.33 1.68
CA ASN A 108 -13.17 -9.08 1.99
C ASN A 108 -12.30 -7.87 1.65
N ARG A 109 -10.98 -7.98 1.87
CA ARG A 109 -10.09 -6.89 1.52
C ARG A 109 -9.96 -6.75 0.01
N HIS A 110 -10.03 -7.85 -0.73
CA HIS A 110 -9.95 -7.79 -2.19
C HIS A 110 -11.22 -7.21 -2.80
N ALA A 111 -12.38 -7.47 -2.19
CA ALA A 111 -13.63 -6.96 -2.73
C ALA A 111 -13.74 -5.45 -2.54
N ARG A 112 -13.08 -4.89 -1.56
CA ARG A 112 -13.17 -3.48 -1.36
C ARG A 112 -12.43 -2.69 -2.42
N GLN A 113 -11.36 -3.25 -2.99
CA GLN A 113 -10.53 -2.51 -3.94
C GLN A 113 -11.18 -2.41 -5.31
N LYS A 114 -11.99 -3.39 -5.71
CA LYS A 114 -12.57 -3.43 -7.04
C LYS A 114 -13.97 -2.81 -7.04
N ARG A 115 -14.41 -2.39 -8.22
CA ARG A 115 -15.71 -1.77 -8.39
C ARG A 115 -16.74 -2.80 -8.84
N GLY A 122 -19.47 6.70 -4.13
CA GLY A 122 -18.67 6.84 -5.33
C GLY A 122 -17.22 7.14 -5.05
N MET A 123 -16.50 6.11 -4.57
CA MET A 123 -15.10 6.27 -4.20
C MET A 123 -14.20 5.87 -5.37
N ILE A 124 -13.19 6.70 -5.64
CA ILE A 124 -12.29 6.51 -6.77
C ILE A 124 -10.87 6.48 -6.22
N PRO A 125 -10.08 5.46 -6.52
CA PRO A 125 -8.71 5.38 -5.98
C PRO A 125 -7.87 6.54 -6.48
N PRO A 126 -7.10 7.17 -5.58
CA PRO A 126 -6.28 8.31 -6.00
C PRO A 126 -5.16 7.91 -6.93
N MET A 127 -4.63 8.90 -7.64
CA MET A 127 -3.53 8.66 -8.56
C MET A 127 -2.25 8.37 -7.79
N LEU A 128 -1.37 7.59 -8.41
CA LEU A 128 -0.13 7.16 -7.80
C LEU A 128 1.05 7.52 -8.69
N VAL A 129 2.21 7.75 -8.06
CA VAL A 129 3.40 8.22 -8.76
C VAL A 129 4.23 7.01 -9.19
N LYS A 130 4.67 7.01 -10.44
CA LYS A 130 5.45 5.91 -11.00
C LYS A 130 6.95 6.15 -10.96
N TYR A 131 7.41 7.35 -11.30
CA TYR A 131 8.84 7.62 -11.44
C TYR A 131 9.43 8.06 -10.11
N PHE A 132 10.64 7.56 -9.83
CA PHE A 132 11.34 7.81 -8.56
C PHE A 132 12.69 8.41 -8.86
N ASN A 133 12.88 9.68 -8.47
CA ASN A 133 14.13 10.42 -8.56
C ASN A 133 14.61 10.62 -10.00
N ILE A 134 13.76 10.38 -11.00
CA ILE A 134 14.05 10.75 -12.38
C ILE A 134 12.84 11.46 -12.94
N ILE A 135 13.08 12.36 -13.88
CA ILE A 135 12.03 13.11 -14.56
C ILE A 135 12.13 12.82 -16.04
N PRO A 136 11.11 12.23 -16.66
CA PRO A 136 11.18 11.97 -18.11
C PRO A 136 11.28 13.28 -18.89
N LYS A 137 12.07 13.24 -19.97
CA LYS A 137 12.23 14.42 -20.81
C LYS A 137 10.92 14.86 -21.45
N THR A 138 9.94 13.95 -21.54
CA THR A 138 8.63 14.32 -22.07
C THR A 138 7.90 15.31 -21.17
N PHE A 139 8.32 15.44 -19.91
CA PHE A 139 7.70 16.40 -19.00
C PHE A 139 7.97 17.84 -19.40
N PHE A 140 9.06 18.10 -20.12
CA PHE A 140 9.42 19.45 -20.53
C PHE A 140 9.19 19.72 -22.01
N GLU A 141 9.01 18.68 -22.84
CA GLU A 141 8.71 18.88 -24.25
C GLU A 141 7.29 19.37 -24.49
N GLU A 142 6.49 19.54 -23.45
CA GLU A 142 5.13 20.04 -23.60
C GLU A 142 5.14 21.57 -23.74
N GLU A 143 4.00 22.11 -24.18
CA GLU A 143 3.90 23.55 -24.38
C GLU A 143 3.80 24.29 -23.04
N THR A 144 3.30 23.63 -22.00
CA THR A 144 3.15 24.22 -20.68
C THR A 144 4.18 23.61 -19.73
N ASP A 145 4.72 24.45 -18.85
CA ASP A 145 5.72 23.99 -17.90
C ASP A 145 5.11 23.01 -16.90
N PRO A 146 5.89 22.03 -16.43
CA PRO A 146 5.41 21.14 -15.37
C PRO A 146 5.34 21.87 -14.04
N ILE A 147 4.60 21.28 -13.12
CA ILE A 147 4.32 21.87 -11.80
C ILE A 147 5.00 21.02 -10.73
N VAL A 148 5.75 21.68 -9.85
CA VAL A 148 6.44 21.02 -8.75
C VAL A 148 5.80 21.47 -7.45
N GLN A 149 5.57 20.51 -6.55
CA GLN A 149 4.93 20.76 -5.27
C GLN A 149 5.77 20.17 -4.15
N ARG A 150 5.42 20.52 -2.92
CA ARG A 150 6.05 19.93 -1.75
C ARG A 150 5.44 18.57 -1.46
N LYS A 151 6.30 17.60 -1.13
CA LYS A 151 5.87 16.26 -0.75
C LYS A 151 5.82 16.19 0.77
N ARG A 152 4.63 16.04 1.31
CA ARG A 152 4.42 15.91 2.75
C ARG A 152 4.33 14.43 3.12
N ASN A 153 5.03 14.03 4.17
CA ASN A 153 5.08 12.64 4.59
C ASN A 153 3.92 12.37 5.55
N GLY A 154 2.74 12.16 4.96
CA GLY A 154 1.55 11.89 5.73
C GLY A 154 0.71 10.76 5.16
N VAL A 155 -0.59 10.82 5.35
CA VAL A 155 -1.52 9.79 4.90
C VAL A 155 -2.33 10.33 3.73
N ARG A 156 -2.39 9.58 2.64
CA ARG A 156 -3.18 9.96 1.48
C ARG A 156 -4.66 9.92 1.81
N ALA A 157 -5.41 10.87 1.26
CA ALA A 157 -6.85 10.94 1.50
C ALA A 157 -7.51 11.68 0.35
N VAL A 158 -8.74 11.24 0.03
CA VAL A 158 -9.56 11.87 -0.99
C VAL A 158 -10.91 12.20 -0.39
N ALA A 159 -11.44 13.39 -0.72
CA ALA A 159 -12.70 13.86 -0.19
C ALA A 159 -13.67 14.16 -1.33
N CYS A 160 -14.94 13.77 -1.14
CA CYS A 160 -15.98 14.05 -2.10
C CYS A 160 -17.31 14.16 -1.36
N GLN A 161 -18.37 14.46 -2.09
CA GLN A 161 -19.69 14.67 -1.53
C GLN A 161 -20.68 13.68 -2.13
N GLN A 162 -21.58 13.16 -1.30
CA GLN A 162 -22.62 12.24 -1.73
C GLN A 162 -23.91 13.00 -2.03
N GLY A 163 -24.87 12.28 -2.64
CA GLY A 163 -26.20 12.81 -2.81
C GLY A 163 -26.92 13.04 -1.50
N ASP A 164 -26.55 12.31 -0.44
CA ASP A 164 -27.10 12.55 0.88
C ASP A 164 -26.72 13.92 1.40
N GLY A 165 -25.53 14.40 1.06
CA GLY A 165 -24.98 15.63 1.59
C GLY A 165 -23.84 15.43 2.57
N CYS A 166 -23.62 14.20 3.04
CA CYS A 166 -22.52 13.93 3.94
C CYS A 166 -21.19 14.01 3.20
N ILE A 167 -20.12 14.20 3.97
CA ILE A 167 -18.77 14.33 3.43
C ILE A 167 -18.09 12.98 3.50
N LEU A 168 -17.70 12.45 2.35
CA LEU A 168 -17.01 11.18 2.25
C LEU A 168 -15.50 11.42 2.15
N LEU A 169 -14.74 10.80 3.04
CA LEU A 169 -13.30 11.00 3.12
C LEU A 169 -12.65 9.62 3.29
N TYR A 170 -12.10 9.09 2.20
CA TYR A 170 -11.55 7.74 2.18
C TYR A 170 -10.04 7.79 1.91
N SER A 171 -9.42 6.61 1.91
CA SER A 171 -7.97 6.47 1.91
C SER A 171 -7.47 5.98 0.55
N ARG A 172 -6.18 5.61 0.52
CA ARG A 172 -5.56 5.15 -0.72
C ARG A 172 -6.13 3.82 -1.17
N THR A 173 -6.43 2.93 -0.23
CA THR A 173 -7.03 1.63 -0.54
C THR A 173 -8.54 1.65 -0.50
N GLU A 174 -9.15 2.83 -0.67
CA GLU A 174 -10.61 3.01 -0.64
C GLU A 174 -11.19 2.51 0.68
N LYS A 175 -10.72 3.10 1.77
CA LYS A 175 -11.22 2.82 3.11
C LYS A 175 -11.64 4.12 3.76
N GLU A 176 -12.89 4.19 4.20
CA GLU A 176 -13.42 5.42 4.77
C GLU A 176 -12.79 5.70 6.13
N PHE A 177 -12.22 6.89 6.28
CA PHE A 177 -11.66 7.29 7.56
C PHE A 177 -12.78 7.51 8.58
N LEU A 178 -12.61 6.91 9.76
CA LEU A 178 -13.66 6.97 10.78
C LEU A 178 -13.66 8.31 11.50
N GLY A 179 -12.50 8.73 12.00
CA GLY A 179 -12.41 9.98 12.75
C GLY A 179 -12.22 11.20 11.88
N LEU A 180 -11.29 12.07 12.26
CA LEU A 180 -10.97 13.28 11.51
C LEU A 180 -12.20 14.16 11.33
N ASP A 181 -12.98 14.32 12.41
CA ASP A 181 -14.20 15.11 12.33
C ASP A 181 -13.90 16.57 12.04
N ASN A 182 -12.79 17.10 12.58
CA ASN A 182 -12.46 18.50 12.39
C ASN A 182 -12.28 18.85 10.92
N ILE A 183 -11.80 17.91 10.11
CA ILE A 183 -11.68 18.15 8.67
C ILE A 183 -13.03 17.95 7.99
N LYS A 184 -13.85 17.03 8.47
CA LYS A 184 -15.16 16.80 7.87
C LYS A 184 -16.07 18.01 8.02
N LYS A 185 -15.94 18.75 9.13
CA LYS A 185 -16.74 19.96 9.31
C LYS A 185 -16.38 21.02 8.28
N GLU A 186 -15.08 21.31 8.13
CA GLU A 186 -14.64 22.32 7.18
C GLU A 186 -14.98 21.92 5.75
N LEU A 187 -14.89 20.62 5.46
CA LEU A 187 -15.31 20.13 4.14
C LEU A 187 -16.80 20.36 3.91
N LYS A 188 -17.62 20.11 4.95
CA LYS A 188 -19.05 20.35 4.83
C LYS A 188 -19.34 21.82 4.59
N GLN A 189 -18.67 22.70 5.32
CA GLN A 189 -18.83 24.13 5.08
C GLN A 189 -18.26 24.53 3.73
N LEU A 190 -17.17 23.89 3.31
CA LEU A 190 -16.54 24.23 2.04
C LEU A 190 -17.45 23.90 0.86
N TYR A 191 -18.09 22.74 0.89
CA TYR A 191 -18.95 22.32 -0.21
C TYR A 191 -20.25 23.12 -0.31
N LEU A 192 -20.44 24.13 0.55
CA LEU A 192 -21.58 25.03 0.39
C LEU A 192 -21.32 26.08 -0.68
N PHE A 193 -20.07 26.51 -0.85
CA PHE A 193 -19.69 27.51 -1.84
C PHE A 193 -19.20 26.88 -3.15
N ILE A 194 -18.39 25.83 -3.06
CA ILE A 194 -17.62 25.35 -4.19
C ILE A 194 -18.39 24.30 -4.98
N ASP A 195 -17.72 23.67 -5.94
CA ASP A 195 -18.36 22.76 -6.87
C ASP A 195 -18.88 21.52 -6.14
N VAL A 196 -20.10 21.09 -6.50
CA VAL A 196 -20.78 20.07 -5.72
C VAL A 196 -20.18 18.69 -5.96
N ARG A 197 -19.85 18.37 -7.21
CA ARG A 197 -19.42 17.03 -7.59
C ARG A 197 -17.93 16.96 -7.91
N VAL A 198 -17.11 17.70 -7.17
CA VAL A 198 -15.66 17.69 -7.37
C VAL A 198 -15.01 16.86 -6.27
N TYR A 199 -13.95 16.14 -6.63
CA TYR A 199 -13.16 15.36 -5.69
C TYR A 199 -11.92 16.16 -5.29
N LEU A 200 -11.60 16.15 -4.00
CA LEU A 200 -10.44 16.85 -3.47
C LEU A 200 -9.42 15.81 -3.03
N ASP A 201 -8.30 15.75 -3.77
CA ASP A 201 -7.24 14.80 -3.51
C ASP A 201 -6.12 15.51 -2.74
N GLY A 202 -5.76 14.98 -1.59
CA GLY A 202 -4.76 15.62 -0.77
C GLY A 202 -4.06 14.66 0.17
N GLU A 203 -3.53 15.23 1.26
CA GLU A 203 -2.71 14.49 2.20
C GLU A 203 -3.05 14.94 3.62
N LEU A 204 -3.22 13.96 4.52
CA LEU A 204 -3.39 14.25 5.94
C LEU A 204 -2.02 14.45 6.57
N TYR A 205 -1.83 15.60 7.22
CA TYR A 205 -0.49 15.97 7.65
C TYR A 205 -0.54 17.02 8.74
N LEU A 206 0.45 16.98 9.62
CA LEU A 206 0.71 18.03 10.60
C LEU A 206 2.21 18.27 10.60
N HIS A 207 2.61 19.54 10.52
CA HIS A 207 4.01 19.87 10.36
C HIS A 207 4.84 19.41 11.56
N ARG A 208 6.07 19.01 11.28
CA ARG A 208 7.03 18.55 12.29
C ARG A 208 6.55 17.30 13.03
N LYS A 209 5.63 16.54 12.44
CA LYS A 209 5.17 15.30 13.04
C LYS A 209 5.58 14.11 12.18
N PRO A 210 6.06 13.03 12.81
CA PRO A 210 6.51 11.87 12.03
C PRO A 210 5.36 11.15 11.37
N LEU A 211 5.70 10.38 10.33
CA LEU A 211 4.69 9.60 9.61
C LEU A 211 4.02 8.59 10.53
N GLN A 212 4.74 8.05 11.51
CA GLN A 212 4.17 7.06 12.41
C GLN A 212 3.09 7.68 13.29
N TRP A 213 3.28 8.94 13.70
CA TRP A 213 2.28 9.61 14.51
C TRP A 213 1.07 10.05 13.67
N ILE A 214 1.32 10.45 12.43
CA ILE A 214 0.22 10.88 11.55
C ILE A 214 -0.66 9.70 11.19
N ALA A 215 -0.04 8.58 10.80
CA ALA A 215 -0.81 7.40 10.42
C ALA A 215 -1.61 6.86 11.59
N GLY A 216 -1.09 6.98 12.81
CA GLY A 216 -1.83 6.47 13.96
C GLY A 216 -3.11 7.25 14.23
N GLN A 217 -3.01 8.59 14.24
CA GLN A 217 -4.18 9.42 14.50
C GLN A 217 -5.19 9.36 13.36
N ALA A 218 -4.73 9.08 12.14
CA ALA A 218 -5.65 8.95 11.02
C ALA A 218 -6.46 7.66 11.07
N ASN A 219 -5.89 6.60 11.63
CA ASN A 219 -6.57 5.32 11.70
C ASN A 219 -7.33 5.12 13.02
N ALA A 220 -7.13 6.01 14.00
CA ALA A 220 -7.78 5.85 15.29
C ALA A 220 -9.23 6.32 15.22
N LYS A 221 -10.11 5.60 15.93
CA LYS A 221 -11.48 6.03 16.07
C LYS A 221 -11.60 7.27 16.95
N THR A 222 -10.65 7.49 17.84
CA THR A 222 -10.66 8.68 18.69
C THR A 222 -10.52 9.94 17.83
N ASP A 223 -11.41 10.90 18.05
CA ASP A 223 -11.39 12.15 17.29
C ASP A 223 -10.54 13.19 18.02
N SER A 224 -9.23 12.97 17.96
CA SER A 224 -8.30 13.93 18.54
C SER A 224 -8.34 15.26 17.80
N SER A 225 -8.68 15.23 16.51
CA SER A 225 -8.88 16.43 15.69
C SER A 225 -7.61 17.29 15.67
N GLU A 226 -6.52 16.69 15.20
CA GLU A 226 -5.24 17.36 15.11
C GLU A 226 -4.71 17.53 13.70
N LEU A 227 -5.11 16.66 12.77
CA LEU A 227 -4.53 16.67 11.44
C LEU A 227 -5.14 17.76 10.57
N HIS A 228 -4.37 18.17 9.56
CA HIS A 228 -4.81 19.10 8.53
C HIS A 228 -4.90 18.38 7.20
N PHE A 229 -5.67 18.97 6.28
CA PHE A 229 -5.88 18.41 4.95
C PHE A 229 -5.22 19.34 3.92
N TYR A 230 -4.12 18.86 3.32
CA TYR A 230 -3.38 19.63 2.31
C TYR A 230 -3.76 19.09 0.94
N VAL A 231 -4.58 19.84 0.21
CA VAL A 231 -5.09 19.42 -1.08
C VAL A 231 -4.07 19.82 -2.15
N PHE A 232 -3.63 18.84 -2.95
CA PHE A 232 -2.69 19.09 -4.03
C PHE A 232 -3.27 18.82 -5.41
N ASP A 233 -4.50 18.32 -5.50
CA ASP A 233 -5.09 18.02 -6.79
C ASP A 233 -6.61 17.93 -6.62
N CYS A 234 -7.30 17.92 -7.75
CA CYS A 234 -8.76 17.77 -7.78
C CYS A 234 -9.16 17.18 -9.12
N PHE A 235 -10.35 16.59 -9.16
CA PHE A 235 -10.83 15.97 -10.39
C PHE A 235 -12.32 15.71 -10.30
N TRP A 236 -12.97 15.69 -11.46
CA TRP A 236 -14.34 15.26 -11.60
C TRP A 236 -14.39 13.86 -12.18
N SER A 237 -15.44 13.11 -11.83
CA SER A 237 -15.57 11.73 -12.30
C SER A 237 -15.79 11.68 -13.81
N ASP A 238 -16.55 12.63 -14.35
CA ASP A 238 -16.87 12.63 -15.78
C ASP A 238 -15.73 13.18 -16.63
N GLN A 239 -14.86 14.01 -16.05
CA GLN A 239 -13.74 14.57 -16.80
C GLN A 239 -12.41 14.14 -16.21
N LEU A 240 -12.20 12.82 -16.08
CA LEU A 240 -10.90 12.32 -15.63
C LEU A 240 -9.79 12.62 -16.62
N GLN A 241 -10.13 12.85 -17.88
CA GLN A 241 -9.14 13.19 -18.90
C GLN A 241 -8.68 14.64 -18.84
N MET A 242 -9.18 15.42 -17.89
CA MET A 242 -8.80 16.81 -17.75
C MET A 242 -7.30 16.91 -17.47
N PRO A 243 -6.54 17.67 -18.26
CA PRO A 243 -5.10 17.74 -18.03
C PRO A 243 -4.77 18.37 -16.68
N SER A 244 -3.56 18.07 -16.20
CA SER A 244 -3.19 18.47 -14.84
C SER A 244 -3.20 19.98 -14.68
N ASN A 245 -2.74 20.73 -15.69
CA ASN A 245 -2.65 22.18 -15.56
C ASN A 245 -4.03 22.81 -15.39
N LYS A 246 -5.03 22.28 -16.11
CA LYS A 246 -6.40 22.79 -15.93
C LYS A 246 -6.95 22.40 -14.57
N ARG A 247 -6.65 21.18 -14.10
CA ARG A 247 -7.09 20.78 -12.77
C ARG A 247 -6.48 21.66 -11.69
N GLN A 248 -5.24 22.13 -11.90
CA GLN A 248 -4.60 23.01 -10.93
C GLN A 248 -5.23 24.39 -10.95
N GLN A 249 -5.57 24.89 -12.15
CA GLN A 249 -6.21 26.21 -12.24
C GLN A 249 -7.59 26.20 -11.60
N LEU A 250 -8.38 25.16 -11.88
CA LEU A 250 -9.70 25.06 -11.28
C LEU A 250 -9.61 24.88 -9.77
N LEU A 251 -8.59 24.14 -9.31
CA LEU A 251 -8.40 23.98 -7.87
C LEU A 251 -8.06 25.30 -7.20
N THR A 252 -7.27 26.15 -7.86
CA THR A 252 -6.94 27.45 -7.31
C THR A 252 -8.17 28.35 -7.23
N ASN A 253 -9.01 28.31 -8.26
CA ASN A 253 -10.25 29.09 -8.22
C ASN A 253 -11.17 28.61 -7.11
N ILE A 254 -11.09 27.34 -6.74
CA ILE A 254 -11.89 26.83 -5.64
C ILE A 254 -11.44 27.42 -4.31
N PHE A 255 -10.12 27.50 -4.10
CA PHE A 255 -9.59 28.06 -2.86
C PHE A 255 -9.53 29.58 -2.85
N LYS A 256 -9.74 30.23 -4.00
CA LYS A 256 -9.90 31.68 -4.01
C LYS A 256 -11.23 32.10 -3.40
N GLN A 257 -12.20 31.17 -3.32
CA GLN A 257 -13.48 31.48 -2.70
C GLN A 257 -13.33 31.67 -1.20
N LYS A 258 -12.71 30.70 -0.52
CA LYS A 258 -12.53 30.75 0.93
C LYS A 258 -11.13 30.20 1.24
N GLU A 259 -10.18 31.10 1.44
CA GLU A 259 -8.80 30.73 1.77
C GLU A 259 -8.52 30.86 3.27
N ASP A 260 -9.56 30.93 4.10
CA ASP A 260 -9.41 31.09 5.53
C ASP A 260 -9.80 29.85 6.30
N LEU A 261 -9.85 28.69 5.64
CA LEU A 261 -10.18 27.45 6.34
C LEU A 261 -9.03 27.04 7.26
N THR A 262 -9.38 26.48 8.41
CA THR A 262 -8.39 26.20 9.44
C THR A 262 -7.67 24.88 9.20
N PHE A 263 -8.37 23.87 8.68
CA PHE A 263 -7.82 22.54 8.53
C PHE A 263 -7.68 22.08 7.08
N ILE A 264 -8.05 22.92 6.11
CA ILE A 264 -7.98 22.57 4.69
C ILE A 264 -7.21 23.66 3.97
N HIS A 265 -6.10 23.28 3.33
CA HIS A 265 -5.26 24.22 2.62
C HIS A 265 -4.85 23.63 1.28
N GLN A 266 -4.54 24.52 0.35
CA GLN A 266 -4.05 24.13 -0.97
C GLN A 266 -2.54 24.25 -1.00
N VAL A 267 -1.87 23.20 -1.48
CA VAL A 267 -0.41 23.24 -1.57
C VAL A 267 0.01 24.20 -2.67
N GLU A 268 1.24 24.69 -2.57
CA GLU A 268 1.75 25.70 -3.50
C GLU A 268 2.32 25.03 -4.74
N ASN A 269 2.02 25.62 -5.90
CA ASN A 269 2.50 25.12 -7.18
C ASN A 269 3.70 25.92 -7.64
N PHE A 270 4.70 25.21 -8.17
CA PHE A 270 5.93 25.83 -8.67
C PHE A 270 6.17 25.35 -10.09
N SER A 271 6.04 26.24 -11.06
CA SER A 271 6.34 25.91 -12.45
C SER A 271 7.84 25.99 -12.68
N VAL A 272 8.40 24.94 -13.31
CA VAL A 272 9.82 24.85 -13.55
C VAL A 272 10.05 24.67 -15.04
N LYS A 273 11.26 25.03 -15.49
CA LYS A 273 11.63 24.94 -16.90
C LYS A 273 12.61 23.83 -17.22
N ASN A 274 13.41 23.39 -16.25
CA ASN A 274 14.38 22.33 -16.46
C ASN A 274 14.46 21.46 -15.22
N VAL A 275 15.32 20.44 -15.27
CA VAL A 275 15.40 19.47 -14.18
C VAL A 275 16.04 20.08 -12.94
N ASP A 276 16.98 21.03 -13.11
CA ASP A 276 17.63 21.63 -11.96
C ASP A 276 16.66 22.52 -11.18
N GLU A 277 15.83 23.29 -11.90
CA GLU A 277 14.81 24.08 -11.22
C GLU A 277 13.92 23.22 -10.35
N ALA A 278 13.73 21.95 -10.71
CA ALA A 278 13.02 21.02 -9.85
C ALA A 278 13.90 20.55 -8.70
N LEU A 279 15.14 20.18 -9.00
CA LEU A 279 16.05 19.69 -7.96
C LEU A 279 16.45 20.78 -6.98
N ARG A 280 16.50 22.04 -7.42
CA ARG A 280 16.81 23.12 -6.48
C ARG A 280 15.65 23.31 -5.49
N LEU A 281 14.42 23.17 -5.97
CA LEU A 281 13.29 23.24 -5.06
C LEU A 281 13.20 21.99 -4.20
N LYS A 282 13.62 20.83 -4.74
CA LYS A 282 13.71 19.64 -3.92
C LYS A 282 14.65 19.83 -2.75
N ALA A 283 15.86 20.34 -3.03
CA ALA A 283 16.81 20.62 -1.96
C ALA A 283 16.28 21.70 -1.02
N GLN A 284 15.51 22.66 -1.54
CA GLN A 284 14.91 23.67 -0.69
C GLN A 284 13.84 23.07 0.20
N PHE A 285 13.00 22.20 -0.36
CA PHE A 285 11.92 21.61 0.43
C PHE A 285 12.45 20.68 1.52
N ILE A 286 13.56 19.99 1.25
CA ILE A 286 14.16 19.13 2.28
C ILE A 286 14.68 19.96 3.44
N LYS A 287 15.31 21.11 3.14
CA LYS A 287 15.79 21.98 4.19
C LYS A 287 14.67 22.59 5.01
N GLU A 288 13.47 22.70 4.44
CA GLU A 288 12.31 23.19 5.17
C GLU A 288 11.70 22.13 6.07
N GLY A 289 12.11 20.87 5.94
CA GLY A 289 11.58 19.80 6.75
C GLY A 289 10.57 18.90 6.07
N TYR A 290 10.51 18.91 4.75
CA TYR A 290 9.56 18.10 4.00
C TYR A 290 10.24 16.87 3.40
N GLU A 291 9.42 15.93 2.95
CA GLU A 291 9.93 14.66 2.46
C GLU A 291 10.67 14.82 1.13
N GLY A 292 10.19 15.72 0.27
CA GLY A 292 10.83 15.92 -1.02
C GLY A 292 10.00 16.80 -1.93
N ALA A 293 9.79 16.36 -3.17
CA ALA A 293 9.04 17.14 -4.14
C ALA A 293 8.34 16.20 -5.11
N ILE A 294 7.19 16.65 -5.61
CA ILE A 294 6.41 15.93 -6.61
C ILE A 294 6.36 16.80 -7.86
N VAL A 295 6.61 16.19 -9.01
CA VAL A 295 6.56 16.87 -10.30
C VAL A 295 5.38 16.32 -11.09
N ARG A 296 4.60 17.22 -11.69
CA ARG A 296 3.40 16.87 -12.42
C ARG A 296 3.52 17.30 -13.87
N ASN A 297 3.32 16.36 -14.79
CA ASN A 297 3.27 16.70 -16.20
C ASN A 297 2.10 17.63 -16.48
N ALA A 298 2.31 18.59 -17.39
CA ALA A 298 1.31 19.61 -17.63
C ALA A 298 0.06 19.03 -18.30
N ASN A 299 0.21 18.02 -19.14
CA ASN A 299 -0.90 17.46 -19.89
C ASN A 299 -1.44 16.16 -19.29
N GLY A 300 -0.91 15.72 -18.15
CA GLY A 300 -1.31 14.48 -17.56
C GLY A 300 -2.73 14.50 -17.04
N PRO A 301 -3.54 13.53 -17.47
CA PRO A 301 -4.89 13.39 -16.92
C PRO A 301 -4.85 12.72 -15.55
N TYR A 302 -6.02 12.59 -14.95
CA TYR A 302 -6.13 11.90 -13.66
C TYR A 302 -6.40 10.42 -13.93
N GLU A 303 -5.39 9.59 -13.70
CA GLU A 303 -5.51 8.15 -13.90
C GLU A 303 -5.67 7.48 -12.54
N PRO A 304 -6.88 7.07 -12.18
CA PRO A 304 -7.11 6.53 -10.83
C PRO A 304 -6.29 5.27 -10.56
N GLY A 305 -6.10 4.98 -9.28
CA GLY A 305 -5.25 3.88 -8.88
C GLY A 305 -5.94 2.52 -8.89
N TYR A 306 -6.76 2.26 -9.89
CA TYR A 306 -7.34 0.93 -10.05
C TYR A 306 -6.23 -0.09 -10.26
N ASN A 307 -6.34 -1.22 -9.55
CA ASN A 307 -5.36 -2.29 -9.62
C ASN A 307 -3.97 -1.80 -9.22
N ASN A 308 -3.92 -0.83 -8.32
CA ASN A 308 -2.66 -0.25 -7.83
C ASN A 308 -1.81 0.30 -8.97
N TYR A 309 -2.48 0.95 -9.92
CA TYR A 309 -1.79 1.47 -11.10
C TYR A 309 -1.03 2.75 -10.76
N HIS A 310 0.17 2.89 -11.32
CA HIS A 310 1.00 4.07 -11.14
C HIS A 310 1.04 4.87 -12.43
N SER A 311 0.81 6.17 -12.33
CA SER A 311 0.72 7.04 -13.50
C SER A 311 2.09 7.57 -13.88
N ALA A 312 2.41 7.50 -15.18
CA ALA A 312 3.68 7.98 -15.69
C ALA A 312 3.73 9.49 -15.85
N HIS A 313 2.68 10.21 -15.48
CA HIS A 313 2.65 11.66 -15.55
C HIS A 313 3.02 12.32 -14.24
N LEU A 314 3.60 11.57 -13.31
CA LEU A 314 4.04 12.09 -12.02
C LEU A 314 5.44 11.58 -11.72
N ALA A 315 6.20 12.39 -10.98
CA ALA A 315 7.55 12.03 -10.57
C ALA A 315 7.76 12.42 -9.12
N LYS A 316 8.42 11.54 -8.38
CA LYS A 316 8.71 11.75 -6.96
C LYS A 316 10.21 11.92 -6.78
N LEU A 317 10.62 13.06 -6.24
CA LEU A 317 12.02 13.36 -5.97
C LEU A 317 12.24 13.28 -4.46
N LYS A 318 12.97 12.25 -4.02
CA LYS A 318 13.15 11.97 -2.61
C LYS A 318 14.57 11.50 -2.36
N PRO A 319 15.20 11.92 -1.27
CA PRO A 319 16.55 11.43 -0.96
C PRO A 319 16.51 9.96 -0.55
N LEU A 320 17.34 9.16 -1.22
CA LEU A 320 17.48 7.74 -0.93
C LEU A 320 18.70 7.56 -0.03
N LEU A 321 18.46 7.23 1.23
CA LEU A 321 19.51 7.12 2.24
C LEU A 321 19.98 5.68 2.37
N ASP A 322 21.28 5.52 2.65
CA ASP A 322 21.88 4.21 2.82
C ASP A 322 22.70 4.19 4.11
N ALA A 323 22.95 2.99 4.60
CA ALA A 323 23.74 2.79 5.82
C ALA A 323 24.15 1.32 5.89
N GLU A 324 25.17 1.05 6.70
CA GLU A 324 25.66 -0.30 6.91
C GLU A 324 25.13 -0.85 8.23
N PHE A 325 24.74 -2.12 8.21
CA PHE A 325 24.19 -2.78 9.39
C PHE A 325 24.85 -4.15 9.56
N ILE A 326 24.83 -4.64 10.79
CA ILE A 326 25.56 -5.84 11.16
C ILE A 326 24.63 -7.05 11.00
N LEU A 327 24.94 -7.92 10.05
CA LEU A 327 24.19 -9.15 9.88
C LEU A 327 24.44 -10.08 11.07
N VAL A 328 23.36 -10.53 11.71
CA VAL A 328 23.45 -11.30 12.94
C VAL A 328 22.74 -12.64 12.82
N ASP A 329 21.60 -12.69 12.14
CA ASP A 329 20.86 -13.94 12.00
C ASP A 329 20.16 -13.94 10.64
N TYR A 330 19.40 -15.01 10.39
CA TYR A 330 18.64 -15.15 9.16
C TYR A 330 17.34 -15.87 9.47
N THR A 331 16.39 -15.78 8.54
CA THR A 331 15.09 -16.40 8.71
C THR A 331 14.51 -16.69 7.33
N GLN A 332 13.18 -16.82 7.25
CA GLN A 332 12.51 -17.16 6.01
C GLN A 332 11.11 -16.57 6.01
N GLY A 333 10.51 -16.52 4.84
CA GLY A 333 9.12 -16.17 4.71
C GLY A 333 8.22 -17.28 5.21
N LYS A 334 6.94 -16.95 5.36
CA LYS A 334 5.97 -17.87 5.96
C LYS A 334 4.95 -18.43 4.99
N LYS A 335 4.50 -17.64 4.02
CA LYS A 335 3.37 -18.03 3.18
C LYS A 335 3.75 -17.98 1.70
N GLY A 336 3.16 -18.89 0.93
CA GLY A 336 3.22 -18.82 -0.52
C GLY A 336 4.63 -18.95 -1.06
N LYS A 337 4.98 -18.05 -1.98
CA LYS A 337 6.28 -18.08 -2.64
C LYS A 337 7.44 -17.71 -1.73
N ASP A 338 7.16 -17.16 -0.55
CA ASP A 338 8.22 -16.77 0.36
C ASP A 338 8.61 -17.87 1.35
N LEU A 339 7.82 -18.93 1.46
CA LEU A 339 8.19 -20.05 2.32
C LEU A 339 9.44 -20.71 1.77
N GLY A 340 10.48 -20.77 2.60
CA GLY A 340 11.77 -21.29 2.16
C GLY A 340 12.68 -20.27 1.52
N ALA A 341 12.25 -19.01 1.43
CA ALA A 341 13.06 -17.94 0.86
C ALA A 341 13.74 -17.18 1.99
N ILE A 342 15.06 -17.00 1.88
CA ILE A 342 15.84 -16.50 3.00
C ILE A 342 15.57 -15.01 3.22
N LEU A 343 15.63 -14.59 4.48
CA LEU A 343 15.55 -13.20 4.87
C LEU A 343 16.68 -12.90 5.85
N TRP A 344 17.22 -11.68 5.77
CA TRP A 344 18.33 -11.29 6.63
C TRP A 344 17.82 -10.67 7.92
N VAL A 345 18.63 -10.79 8.97
CA VAL A 345 18.35 -10.20 10.27
C VAL A 345 19.58 -9.40 10.70
N CYS A 346 19.40 -8.09 10.84
CA CYS A 346 20.48 -7.20 11.27
C CYS A 346 20.21 -6.72 12.69
N GLU A 347 21.22 -6.07 13.27
CA GLU A 347 21.16 -5.62 14.65
C GLU A 347 21.54 -4.15 14.73
N LEU A 348 21.16 -3.53 15.84
CA LEU A 348 21.43 -2.12 16.12
C LEU A 348 22.36 -2.00 17.32
N PRO A 349 22.97 -0.81 17.52
CA PRO A 349 23.82 -0.59 18.70
C PRO A 349 23.15 -0.96 20.02
N ASN A 350 21.81 -0.94 20.06
CA ASN A 350 21.06 -1.31 21.25
C ASN A 350 20.62 -2.77 21.23
N LYS A 351 21.19 -3.58 20.34
CA LYS A 351 20.98 -5.03 20.25
C LYS A 351 19.59 -5.43 19.79
N LYS A 352 18.76 -4.48 19.35
CA LYS A 352 17.47 -4.84 18.77
C LYS A 352 17.63 -5.23 17.31
N ARG A 353 16.78 -6.16 16.87
CA ARG A 353 16.92 -6.76 15.55
C ARG A 353 15.75 -6.39 14.65
N PHE A 354 15.96 -6.59 13.35
CA PHE A 354 14.94 -6.33 12.34
C PHE A 354 15.25 -7.17 11.12
N VAL A 355 14.22 -7.38 10.29
CA VAL A 355 14.30 -8.25 9.12
C VAL A 355 14.46 -7.40 7.88
N VAL A 356 15.37 -7.82 6.99
CA VAL A 356 15.62 -7.13 5.72
C VAL A 356 15.46 -8.14 4.59
N THR A 357 14.94 -7.67 3.45
CA THR A 357 14.76 -8.50 2.28
C THR A 357 15.89 -8.25 1.28
N PRO A 358 16.54 -9.29 0.76
CA PRO A 358 17.58 -9.08 -0.25
C PRO A 358 16.98 -8.55 -1.55
N LYS A 359 17.65 -7.56 -2.13
CA LYS A 359 17.09 -6.83 -3.26
C LYS A 359 17.54 -7.36 -4.61
N HIS A 360 18.73 -7.95 -4.70
CA HIS A 360 19.29 -8.37 -5.98
C HIS A 360 19.43 -9.88 -6.10
N LEU A 361 18.50 -10.63 -5.50
CA LEU A 361 18.50 -12.08 -5.54
C LEU A 361 17.28 -12.58 -6.29
N THR A 362 17.47 -13.63 -7.09
CA THR A 362 16.32 -14.36 -7.60
C THR A 362 15.74 -15.22 -6.48
N TYR A 363 14.51 -15.71 -6.70
CA TYR A 363 13.92 -16.60 -5.71
C TYR A 363 14.65 -17.93 -5.65
N ALA A 364 15.31 -18.34 -6.74
CA ALA A 364 16.10 -19.57 -6.71
C ALA A 364 17.30 -19.42 -5.80
N ASP A 365 17.95 -18.24 -5.82
CA ASP A 365 19.07 -17.99 -4.92
C ASP A 365 18.62 -18.00 -3.47
N ARG A 366 17.52 -17.30 -3.17
CA ARG A 366 17.03 -17.25 -1.80
C ARG A 366 16.54 -18.62 -1.33
N TYR A 367 15.95 -19.41 -2.23
CA TYR A 367 15.59 -20.78 -1.89
C TYR A 367 16.82 -21.61 -1.62
N ALA A 368 17.80 -21.59 -2.53
CA ALA A 368 19.00 -22.39 -2.37
C ALA A 368 19.83 -21.96 -1.18
N LEU A 369 19.84 -20.65 -0.87
CA LEU A 369 20.58 -20.18 0.29
C LEU A 369 19.99 -20.72 1.59
N PHE A 370 18.65 -20.74 1.68
CA PHE A 370 18.01 -21.20 2.90
C PHE A 370 18.11 -22.71 3.07
N GLN A 371 18.05 -23.45 1.96
CA GLN A 371 18.14 -24.90 2.04
C GLN A 371 19.54 -25.42 2.27
N LYS A 372 20.56 -24.58 2.06
CA LYS A 372 21.95 -24.97 2.26
C LYS A 372 22.54 -24.44 3.56
N LEU A 373 21.87 -23.51 4.23
CA LEU A 373 22.39 -22.89 5.43
C LEU A 373 21.87 -23.58 6.68
N THR A 374 22.76 -23.77 7.65
CA THR A 374 22.44 -24.22 8.99
C THR A 374 22.83 -23.13 9.98
N PRO A 375 22.24 -23.12 11.18
CA PRO A 375 22.68 -22.16 12.19
C PRO A 375 24.17 -22.24 12.52
N ALA A 376 24.80 -23.38 12.27
CA ALA A 376 26.24 -23.49 12.47
C ALA A 376 27.02 -22.91 11.29
N LEU A 377 26.55 -23.17 10.07
CA LEU A 377 27.22 -22.61 8.90
C LEU A 377 27.09 -21.09 8.84
N PHE A 378 25.97 -20.55 9.33
CA PHE A 378 25.79 -19.10 9.33
C PHE A 378 26.73 -18.43 10.34
N LYS A 379 26.81 -18.98 11.55
CA LYS A 379 27.67 -18.42 12.57
C LYS A 379 29.15 -18.51 12.21
N LYS A 380 29.51 -19.39 11.28
CA LYS A 380 30.90 -19.55 10.89
C LYS A 380 31.32 -18.62 9.76
N HIS A 381 30.40 -18.27 8.86
CA HIS A 381 30.76 -17.53 7.65
C HIS A 381 30.19 -16.12 7.60
N LEU A 382 28.92 -15.92 7.97
CA LEU A 382 28.24 -14.67 7.67
C LEU A 382 27.90 -13.81 8.87
N TYR A 383 27.96 -14.35 10.09
CA TYR A 383 27.68 -13.54 11.26
C TYR A 383 28.68 -12.39 11.38
N GLY A 384 28.18 -11.21 11.70
CA GLY A 384 29.02 -10.04 11.90
C GLY A 384 29.32 -9.25 10.65
N LYS A 385 28.90 -9.70 9.48
CA LYS A 385 29.22 -8.99 8.25
C LYS A 385 28.37 -7.73 8.13
N GLU A 386 28.77 -6.86 7.20
CA GLU A 386 28.16 -5.56 7.01
C GLU A 386 27.22 -5.61 5.82
N LEU A 387 25.95 -5.28 6.05
CA LEU A 387 24.91 -5.30 5.03
C LEU A 387 24.48 -3.87 4.75
N THR A 388 24.86 -3.35 3.58
CA THR A 388 24.44 -2.01 3.20
C THR A 388 22.94 -2.03 2.86
N VAL A 389 22.20 -1.09 3.45
CA VAL A 389 20.75 -1.10 3.41
C VAL A 389 20.26 0.28 2.98
N GLU A 390 19.48 0.34 1.90
CA GLU A 390 18.77 1.54 1.52
C GLU A 390 17.47 1.64 2.30
N TYR A 391 17.05 2.87 2.59
CA TYR A 391 15.83 3.09 3.33
C TYR A 391 15.35 4.52 3.10
N ALA A 392 14.07 4.74 3.41
CA ALA A 392 13.50 6.07 3.29
C ALA A 392 13.84 6.94 4.49
N GLU A 393 13.62 6.43 5.70
CA GLU A 393 13.93 7.17 6.92
C GLU A 393 14.27 6.19 8.02
N LEU A 394 14.93 6.70 9.05
CA LEU A 394 15.18 5.93 10.26
C LEU A 394 14.00 6.08 11.21
N SER A 395 13.64 4.99 11.87
CA SER A 395 12.54 5.02 12.84
C SER A 395 12.88 5.97 13.97
N PRO A 396 12.07 7.01 14.21
CA PRO A 396 12.42 8.00 15.25
C PRO A 396 12.37 7.44 16.66
N LYS A 397 11.74 6.29 16.87
CA LYS A 397 11.62 5.70 18.21
C LYS A 397 12.60 4.57 18.46
N THR A 398 12.88 3.73 17.47
CA THR A 398 13.73 2.57 17.66
C THR A 398 14.96 2.56 16.76
N GLY A 399 15.13 3.55 15.89
CA GLY A 399 16.28 3.59 15.01
C GLY A 399 16.26 2.59 13.88
N ILE A 400 15.16 1.87 13.69
CA ILE A 400 15.08 0.88 12.61
C ILE A 400 15.00 1.61 11.26
N PRO A 401 15.78 1.19 10.25
CA PRO A 401 15.59 1.74 8.90
C PRO A 401 14.26 1.26 8.32
N LEU A 402 13.40 2.22 7.96
CA LEU A 402 12.06 1.92 7.49
C LEU A 402 12.01 1.98 5.96
N GLN A 403 11.13 1.15 5.38
CA GLN A 403 11.12 0.91 3.95
C GLN A 403 12.51 0.49 3.47
N ALA A 404 13.05 -0.52 4.13
CA ALA A 404 14.44 -0.93 3.96
C ALA A 404 14.56 -2.17 3.08
N ARG A 405 15.66 -2.22 2.33
CA ARG A 405 15.98 -3.37 1.51
C ARG A 405 17.50 -3.48 1.39
N ALA A 406 17.99 -4.72 1.33
CA ALA A 406 19.43 -4.98 1.34
C ALA A 406 19.93 -5.12 -0.09
N VAL A 407 20.88 -4.27 -0.47
CA VAL A 407 21.40 -4.32 -1.82
C VAL A 407 22.63 -5.22 -1.93
N GLY A 408 23.37 -5.43 -0.85
CA GLY A 408 24.54 -6.28 -0.90
C GLY A 408 25.38 -6.13 0.35
N PHE A 409 26.63 -6.58 0.25
CA PHE A 409 27.56 -6.52 1.37
C PHE A 409 28.68 -5.52 1.10
#